data_8GTK
#
_entry.id   8GTK
#
_cell.length_a   102.732
_cell.length_b   102.732
_cell.length_c   121.316
_cell.angle_alpha   90.000
_cell.angle_beta   90.000
_cell.angle_gamma   120.000
#
_symmetry.space_group_name_H-M   'P 32 2 1'
#
loop_
_entity.id
_entity.type
_entity.pdbx_description
1 polymer 'GSDMB isoform-1'
2 polymer 'Probable E3 ubiquitin-protein ligase ipaH7.8'
#
loop_
_entity_poly.entity_id
_entity_poly.type
_entity_poly.pdbx_seq_one_letter_code
_entity_poly.pdbx_strand_id
1 'polypeptide(L)'
;GPGSGRPMFSVFEEITRIVVKEMDAGGDMIAVRSLVDADRFRCFHLVGEKRTFFGCRHYTTGLTLMDILDTDGDKAEFQI
LDNVDSTGELIVRLPKEITISGSFQGFHHQKIKISENRISQQYLATLENRKLKRELPFSFRSINTRENLYLVTETLETVK
EETLKSDRQYKFWSQISQGHLSYKHKGQREVTIPPNRVLSYRVKQLVFPNKETMKKDGASSCLGKSLGSEDSRNMKEKLE
DMESVLKDLTEEKRKDVLNSLAKCLGKEDIRQDLEQRVSEVLISGELHMEDPDKPLLSSLFNAAGVLVEARAKAILDFLD
ALLELSEEQQFVAEALEKGTLPLLKDQVKSVMEQNWDELASSPPDMDYDPEARILCALYVVVSILLELAEGPTSVSS
;
A
2 'polypeptide(L)'
;MSNEHYLRILTEWEKNSSPGEERGIAFNRLSQCFQNQEAVLNLSDLNLTSLPELPKHISALIVENNKLTSLPKLPAFLKE
LNADNNRLSVIPELPESLTTLSVRSNQLENLPVLPNHLTSLFVENNRLYNLPALPEKLKFLHVYYNRLTTLPDLPDKLEI
LCAQRNNLVTFPQFSDRNNIRQKEYYFHFNQITTLPESFSQLDSSYRINISGNPLSTRVLQSLQRLTSSPDYHGPQIYFS
M
;
B
#
# COMPACT_ATOMS: atom_id res chain seq x y z
N SER A 10 9.51 -14.29 -0.85
CA SER A 10 10.12 -12.97 -0.77
C SER A 10 9.86 -12.17 -2.03
N VAL A 11 9.68 -12.88 -3.15
CA VAL A 11 9.35 -12.18 -4.43
C VAL A 11 7.95 -11.60 -4.27
N PHE A 12 7.06 -12.34 -3.60
CA PHE A 12 5.72 -11.80 -3.33
C PHE A 12 5.90 -10.43 -2.71
N GLU A 13 6.81 -10.34 -1.75
CA GLU A 13 7.01 -9.06 -1.05
C GLU A 13 7.46 -8.01 -2.07
N GLU A 14 8.33 -8.43 -3.00
CA GLU A 14 8.84 -7.47 -4.00
C GLU A 14 7.64 -6.86 -4.73
N ILE A 15 6.76 -7.72 -5.23
CA ILE A 15 5.58 -7.22 -6.02
C ILE A 15 4.71 -6.37 -5.09
N THR A 16 4.47 -6.84 -3.87
CA THR A 16 3.58 -6.08 -2.95
C THR A 16 4.18 -4.69 -2.71
N ARG A 17 5.50 -4.63 -2.50
CA ARG A 17 6.15 -3.32 -2.22
C ARG A 17 6.02 -2.44 -3.45
N ILE A 18 6.23 -3.02 -4.63
CA ILE A 18 6.09 -2.24 -5.89
C ILE A 18 4.69 -1.63 -5.90
N VAL A 19 3.68 -2.45 -5.67
CA VAL A 19 2.27 -1.97 -5.71
C VAL A 19 2.16 -0.78 -4.77
N VAL A 20 2.67 -0.92 -3.55
CA VAL A 20 2.52 0.17 -2.54
C VAL A 20 3.23 1.42 -3.06
N LYS A 21 4.45 1.26 -3.55
CA LYS A 21 5.24 2.42 -4.02
C LYS A 21 4.46 3.14 -5.12
N GLU A 22 4.03 2.40 -6.13
CA GLU A 22 3.36 3.04 -7.29
C GLU A 22 2.02 3.63 -6.85
N MET A 23 1.33 2.98 -5.91
CA MET A 23 -0.03 3.45 -5.55
C MET A 23 0.05 4.55 -4.48
N ASP A 24 0.68 4.26 -3.34
CA ASP A 24 0.77 5.25 -2.25
C ASP A 24 2.14 5.15 -1.58
N ALA A 25 3.16 5.74 -2.19
CA ALA A 25 4.53 5.68 -1.64
C ALA A 25 4.62 6.51 -0.36
N GLY A 26 5.07 5.91 0.74
CA GLY A 26 5.15 6.63 2.03
C GLY A 26 3.77 7.01 2.53
N GLY A 27 2.83 6.07 2.49
CA GLY A 27 1.45 6.39 2.91
C GLY A 27 0.83 5.27 3.74
N ASP A 28 -0.43 5.44 4.15
CA ASP A 28 -1.07 4.46 5.04
C ASP A 28 -0.96 3.06 4.43
N MET A 29 -0.80 2.96 3.12
CA MET A 29 -0.79 1.63 2.46
C MET A 29 0.26 0.75 3.10
N ILE A 30 -0.09 -0.51 3.37
CA ILE A 30 0.88 -1.47 3.94
C ILE A 30 0.95 -2.67 2.99
N ALA A 31 2.09 -3.35 2.94
CA ALA A 31 2.26 -4.44 1.95
C ALA A 31 2.10 -5.80 2.61
N VAL A 32 1.50 -6.76 1.88
CA VAL A 32 1.38 -8.14 2.42
C VAL A 32 2.74 -8.80 2.26
N ARG A 33 3.31 -9.30 3.35
CA ARG A 33 4.65 -9.87 3.32
C ARG A 33 4.66 -11.36 2.97
N SER A 34 3.57 -12.07 3.22
CA SER A 34 3.48 -13.49 2.91
C SER A 34 2.18 -13.77 2.19
N LEU A 35 2.26 -14.55 1.10
CA LEU A 35 1.08 -14.83 0.30
C LEU A 35 0.07 -15.69 1.05
N VAL A 36 0.54 -16.55 1.96
CA VAL A 36 -0.36 -17.45 2.67
C VAL A 36 -1.33 -16.67 3.53
N ASP A 37 -0.86 -15.59 4.16
CA ASP A 37 -1.71 -14.86 5.12
C ASP A 37 -2.47 -13.75 4.39
N ALA A 38 -2.61 -13.85 3.08
CA ALA A 38 -3.24 -12.74 2.32
C ALA A 38 -4.73 -12.65 2.64
N ASP A 39 -5.47 -13.74 2.49
CA ASP A 39 -6.94 -13.69 2.67
C ASP A 39 -7.28 -13.15 4.06
N ARG A 40 -6.34 -13.22 5.00
CA ARG A 40 -6.63 -12.79 6.38
C ARG A 40 -6.42 -11.29 6.51
N PHE A 41 -5.96 -10.66 5.42
CA PHE A 41 -5.72 -9.20 5.44
C PHE A 41 -6.82 -8.51 4.65
N ARG A 42 -7.82 -9.27 4.21
CA ARG A 42 -8.91 -8.70 3.39
C ARG A 42 -9.65 -7.64 4.22
N CYS A 43 -10.49 -6.84 3.57
CA CYS A 43 -11.20 -5.76 4.29
C CYS A 43 -12.03 -6.35 5.43
N PHE A 44 -12.38 -5.52 6.41
CA PHE A 44 -13.26 -5.97 7.53
C PHE A 44 -12.53 -7.03 8.36
N HIS A 45 -11.27 -7.33 8.03
CA HIS A 45 -10.46 -8.28 8.83
C HIS A 45 -9.76 -7.51 9.96
N LEU A 46 -9.16 -8.24 10.91
CA LEU A 46 -8.44 -7.59 12.04
C LEU A 46 -6.94 -7.88 11.91
N VAL A 47 -6.10 -6.87 12.16
CA VAL A 47 -4.61 -7.05 12.06
C VAL A 47 -3.96 -6.39 13.29
N GLY A 48 -3.12 -7.15 14.01
CA GLY A 48 -2.50 -6.62 15.21
C GLY A 48 -1.07 -6.16 15.02
N GLU A 49 -0.58 -5.36 15.96
CA GLU A 49 0.75 -4.77 15.90
C GLU A 49 1.71 -5.51 16.82
N LYS A 50 2.98 -5.54 16.40
CA LYS A 50 4.06 -6.11 17.19
C LYS A 50 5.12 -5.05 17.42
N ARG A 51 5.98 -5.29 18.41
CA ARG A 51 7.04 -4.34 18.77
C ARG A 51 8.31 -4.69 18.00
N THR A 52 8.61 -3.88 16.98
CA THR A 52 9.85 -4.06 16.18
C THR A 52 10.47 -2.68 15.96
N PHE A 53 11.70 -2.46 16.43
CA PHE A 53 12.30 -1.11 16.36
C PHE A 53 12.39 -0.64 14.90
N PHE A 54 12.67 -1.56 13.99
CA PHE A 54 12.75 -1.19 12.56
C PHE A 54 11.44 -0.51 12.17
N GLY A 55 10.36 -0.84 12.87
CA GLY A 55 9.05 -0.22 12.60
C GLY A 55 7.90 -1.10 13.04
N CYS A 56 6.71 -0.52 13.21
CA CYS A 56 5.53 -1.32 13.59
C CYS A 56 5.37 -2.47 12.58
N ARG A 57 5.21 -3.69 13.07
CA ARG A 57 4.98 -4.83 12.15
C ARG A 57 3.54 -5.30 12.33
N HIS A 58 2.96 -5.93 11.30
CA HIS A 58 1.53 -6.32 11.36
C HIS A 58 1.39 -7.83 11.22
N TYR A 59 0.57 -8.45 12.07
CA TYR A 59 0.31 -9.88 11.98
C TYR A 59 -1.19 -10.13 11.96
N THR A 60 -1.58 -11.16 11.22
CA THR A 60 -2.99 -11.49 11.09
C THR A 60 -3.57 -11.96 12.42
N THR A 61 -4.90 -11.95 12.51
CA THR A 61 -5.56 -12.30 13.79
C THR A 61 -6.47 -13.51 13.62
N GLY A 62 -7.00 -13.72 12.41
CA GLY A 62 -7.98 -14.82 12.23
C GLY A 62 -9.34 -14.39 12.75
N LEU A 63 -9.52 -13.10 12.99
CA LEU A 63 -10.82 -12.58 13.51
C LEU A 63 -11.29 -11.45 12.59
N THR A 64 -12.58 -11.11 12.66
CA THR A 64 -13.15 -10.06 11.78
C THR A 64 -14.16 -9.24 12.57
N LEU A 65 -14.37 -7.99 12.17
CA LEU A 65 -15.33 -7.14 12.88
C LEU A 65 -16.66 -7.86 13.05
N MET A 66 -16.98 -8.80 12.16
CA MET A 66 -18.20 -9.59 12.31
C MET A 66 -18.15 -10.45 13.57
N ASP A 67 -16.94 -10.88 13.95
CA ASP A 67 -16.79 -11.80 15.12
C ASP A 67 -16.85 -11.04 16.45
N ILE A 68 -16.77 -9.71 16.42
CA ILE A 68 -16.71 -8.94 17.70
C ILE A 68 -17.95 -8.05 17.84
N LEU A 69 -18.56 -7.67 16.71
CA LEU A 69 -19.72 -6.78 16.74
C LEU A 69 -20.98 -7.56 17.14
N ASP A 70 -21.90 -6.86 17.80
CA ASP A 70 -23.22 -7.42 18.07
C ASP A 70 -23.92 -7.67 16.75
N THR A 71 -24.04 -8.95 16.36
CA THR A 71 -24.60 -9.31 15.06
C THR A 71 -26.09 -9.06 14.94
N ASP A 72 -26.74 -8.59 16.01
CA ASP A 72 -28.19 -8.37 16.05
C ASP A 72 -28.98 -9.65 15.80
N GLY A 73 -28.36 -10.82 15.98
CA GLY A 73 -29.10 -12.07 15.89
C GLY A 73 -28.39 -13.24 15.24
N ASP A 74 -27.40 -12.96 14.39
CA ASP A 74 -26.63 -13.91 13.56
C ASP A 74 -27.44 -14.37 12.35
N LYS A 75 -28.75 -14.14 12.32
CA LYS A 75 -29.58 -14.56 11.20
C LYS A 75 -29.13 -13.96 9.87
N ALA A 76 -28.50 -12.79 9.89
CA ALA A 76 -27.97 -12.20 8.66
C ALA A 76 -26.76 -11.31 8.93
N GLU A 77 -25.58 -11.91 9.05
CA GLU A 77 -24.36 -11.12 9.19
C GLU A 77 -23.82 -10.64 7.85
N PHE A 78 -24.42 -11.08 6.75
CA PHE A 78 -23.86 -10.75 5.42
C PHE A 78 -24.16 -9.30 5.06
N GLN A 79 -25.20 -8.70 5.65
CA GLN A 79 -25.60 -7.33 5.26
C GLN A 79 -24.43 -6.36 5.44
N ILE A 80 -23.47 -6.70 6.31
CA ILE A 80 -22.34 -5.77 6.58
C ILE A 80 -21.61 -5.53 5.26
N LEU A 81 -21.45 -6.58 4.46
CA LEU A 81 -20.67 -6.45 3.19
C LEU A 81 -21.33 -5.41 2.29
N ASP A 82 -22.59 -5.08 2.55
CA ASP A 82 -23.29 -4.04 1.76
C ASP A 82 -22.55 -2.72 1.94
N ASN A 83 -21.73 -2.64 3.00
CA ASN A 83 -20.98 -1.39 3.28
C ASN A 83 -19.64 -1.42 2.55
N VAL A 84 -19.36 -2.48 1.79
CA VAL A 84 -18.03 -2.60 1.11
C VAL A 84 -18.14 -2.00 -0.29
N ASP A 85 -17.22 -1.11 -0.65
CA ASP A 85 -17.30 -0.41 -1.96
C ASP A 85 -16.07 -0.72 -2.81
N SER A 86 -16.23 -0.78 -4.14
CA SER A 86 -15.08 -1.02 -5.05
C SER A 86 -14.77 0.28 -5.81
N THR A 87 -13.67 0.94 -5.45
CA THR A 87 -13.28 2.19 -6.13
C THR A 87 -12.97 1.89 -7.59
N GLY A 88 -12.88 0.59 -7.94
CA GLY A 88 -12.62 0.21 -9.34
C GLY A 88 -11.34 -0.60 -9.47
N GLU A 89 -10.67 -0.51 -10.63
CA GLU A 89 -9.45 -1.27 -10.84
C GLU A 89 -8.28 -0.32 -11.07
N LEU A 90 -7.06 -0.81 -10.84
CA LEU A 90 -5.86 0.05 -10.98
C LEU A 90 -4.78 -0.72 -11.75
N ILE A 91 -3.76 -0.01 -12.24
CA ILE A 91 -2.71 -0.67 -13.05
C ILE A 91 -1.35 -0.41 -12.39
N VAL A 92 -0.52 -1.44 -12.30
CA VAL A 92 0.84 -1.29 -11.70
C VAL A 92 1.88 -1.71 -12.73
N ARG A 93 2.79 -0.80 -13.08
CA ARG A 93 3.83 -1.12 -14.09
C ARG A 93 4.99 -1.82 -13.39
N LEU A 94 5.15 -3.12 -13.64
CA LEU A 94 6.24 -3.90 -13.01
C LEU A 94 7.59 -3.40 -13.52
N PRO A 95 8.68 -3.50 -12.72
CA PRO A 95 9.99 -3.01 -13.14
C PRO A 95 10.64 -3.96 -14.14
N LYS A 96 11.93 -3.76 -14.41
CA LYS A 96 12.64 -4.59 -15.43
C LYS A 96 12.91 -5.99 -14.92
N GLU A 97 13.32 -6.13 -13.66
CA GLU A 97 13.71 -7.47 -13.14
C GLU A 97 12.47 -8.37 -13.06
N ILE A 98 11.28 -7.77 -13.13
CA ILE A 98 10.02 -8.57 -12.99
C ILE A 98 9.51 -8.93 -14.39
N THR A 99 9.23 -10.22 -14.61
CA THR A 99 8.78 -10.68 -15.95
C THR A 99 7.52 -11.54 -15.80
N ILE A 100 6.47 -11.22 -16.55
CA ILE A 100 5.21 -12.02 -16.51
C ILE A 100 5.36 -13.17 -17.50
N SER A 101 5.88 -14.31 -17.03
CA SER A 101 6.15 -15.44 -17.96
C SER A 101 4.84 -15.91 -18.60
N GLY A 102 4.94 -16.62 -19.74
CA GLY A 102 3.76 -17.15 -20.39
C GLY A 102 2.86 -16.10 -20.99
N PHE A 107 5.30 -8.56 -25.13
CA PHE A 107 4.77 -7.45 -24.29
C PHE A 107 5.94 -6.66 -23.70
N HIS A 108 6.49 -5.71 -24.48
CA HIS A 108 7.67 -4.95 -24.01
C HIS A 108 7.34 -4.20 -22.72
N HIS A 109 6.24 -3.45 -22.69
CA HIS A 109 5.82 -2.79 -21.43
C HIS A 109 5.00 -3.81 -20.62
N GLN A 110 5.37 -4.03 -19.37
CA GLN A 110 4.67 -5.05 -18.56
C GLN A 110 3.94 -4.36 -17.42
N LYS A 111 2.67 -4.72 -17.20
CA LYS A 111 1.86 -4.10 -16.13
C LYS A 111 0.93 -5.15 -15.53
N ILE A 112 0.42 -4.91 -14.32
CA ILE A 112 -0.52 -5.87 -13.68
C ILE A 112 -1.80 -5.11 -13.32
N LYS A 113 -2.93 -5.81 -13.29
CA LYS A 113 -4.23 -5.15 -12.99
C LYS A 113 -4.66 -5.52 -11.58
N ILE A 114 -5.12 -4.54 -10.80
CA ILE A 114 -5.49 -4.80 -9.38
C ILE A 114 -6.88 -4.23 -9.13
N SER A 115 -7.53 -4.64 -8.04
CA SER A 115 -8.89 -4.15 -7.71
C SER A 115 -8.85 -3.49 -6.32
N GLU A 116 -9.54 -2.37 -6.15
CA GLU A 116 -9.52 -1.66 -4.85
C GLU A 116 -10.86 -1.85 -4.14
N ASN A 117 -10.84 -2.40 -2.93
CA ASN A 117 -12.09 -2.55 -2.14
C ASN A 117 -11.95 -1.69 -0.89
N ARG A 118 -12.98 -0.89 -0.57
CA ARG A 118 -12.91 0.02 0.59
C ARG A 118 -14.18 -0.14 1.44
N ILE A 119 -14.07 0.12 2.74
CA ILE A 119 -15.27 0.07 3.61
C ILE A 119 -15.91 1.46 3.60
N SER A 120 -17.24 1.54 3.45
CA SER A 120 -17.93 2.85 3.35
C SER A 120 -17.58 3.76 4.53
N GLN A 121 -17.30 5.04 4.28
CA GLN A 121 -17.02 5.96 5.37
C GLN A 121 -18.19 6.06 6.34
N GLN A 122 -19.42 5.90 5.85
CA GLN A 122 -20.59 5.99 6.71
C GLN A 122 -20.60 4.87 7.74
N TYR A 123 -20.23 3.66 7.33
CA TYR A 123 -20.12 2.57 8.30
C TYR A 123 -18.97 2.81 9.26
N LEU A 124 -17.88 3.42 8.79
CA LEU A 124 -16.80 3.81 9.69
C LEU A 124 -17.27 4.80 10.73
N ALA A 125 -18.19 5.70 10.36
CA ALA A 125 -18.73 6.65 11.32
C ALA A 125 -19.66 5.95 12.32
N THR A 126 -20.53 5.08 11.83
CA THR A 126 -21.45 4.37 12.72
C THR A 126 -20.75 3.29 13.55
N LEU A 127 -19.49 2.98 13.25
CA LEU A 127 -18.78 1.94 14.01
C LEU A 127 -18.66 2.31 15.48
N GLU A 128 -18.26 3.54 15.78
CA GLU A 128 -18.07 3.93 17.17
C GLU A 128 -19.38 3.89 17.95
N ASN A 129 -20.48 4.25 17.29
CA ASN A 129 -21.80 4.24 17.93
C ASN A 129 -22.51 2.93 17.65
N ARG A 130 -21.90 1.84 18.10
CA ARG A 130 -22.42 0.50 17.87
C ARG A 130 -22.13 -0.36 19.10
N LYS A 131 -22.85 -1.48 19.19
CA LYS A 131 -22.69 -2.36 20.38
C LYS A 131 -21.95 -3.64 19.99
N LEU A 132 -21.05 -4.11 20.87
CA LEU A 132 -20.37 -5.41 20.60
C LEU A 132 -21.29 -6.52 21.12
N LYS A 133 -20.98 -7.77 20.80
CA LYS A 133 -21.79 -8.89 21.32
C LYS A 133 -21.57 -9.01 22.82
N ARG A 134 -22.59 -9.43 23.57
CA ARG A 134 -22.43 -9.62 25.04
C ARG A 134 -21.38 -10.72 25.25
N GLU A 135 -21.44 -11.79 24.46
CA GLU A 135 -20.41 -12.86 24.54
C GLU A 135 -19.40 -12.64 23.42
N LEU A 136 -18.10 -12.67 23.75
CA LEU A 136 -17.06 -12.39 22.74
C LEU A 136 -15.99 -13.48 22.81
N PRO A 137 -15.29 -13.82 21.70
CA PRO A 137 -14.28 -14.88 21.71
C PRO A 137 -13.22 -14.59 22.78
N PHE A 138 -12.69 -15.64 23.43
CA PHE A 138 -11.64 -15.44 24.46
C PHE A 138 -10.48 -14.64 23.85
N SER A 139 -10.18 -14.88 22.57
CA SER A 139 -9.11 -14.11 21.89
C SER A 139 -9.45 -12.62 21.94
N PHE A 140 -10.68 -12.26 21.58
CA PHE A 140 -11.11 -10.84 21.65
C PHE A 140 -11.26 -10.43 23.11
N ARG A 141 -11.74 -11.35 23.96
CA ARG A 141 -11.84 -11.06 25.41
C ARG A 141 -10.46 -10.67 25.93
N SER A 142 -9.41 -11.32 25.42
CA SER A 142 -8.02 -11.01 25.83
C SER A 142 -7.33 -10.19 24.74
N ILE A 143 -8.11 -9.65 23.79
CA ILE A 143 -7.51 -8.88 22.66
C ILE A 143 -6.75 -7.68 23.24
N ASN A 144 -7.21 -7.14 24.37
CA ASN A 144 -6.53 -5.99 25.02
C ASN A 144 -6.03 -6.43 26.41
N TYR A 150 -5.95 -3.62 14.27
CA TYR A 150 -6.96 -2.65 13.81
C TYR A 150 -7.85 -3.32 12.76
N LEU A 151 -8.66 -2.53 12.05
CA LEU A 151 -9.59 -3.10 11.04
C LEU A 151 -9.10 -2.73 9.63
N VAL A 152 -9.01 -3.71 8.73
CA VAL A 152 -8.61 -3.42 7.33
C VAL A 152 -9.66 -2.49 6.72
N THR A 153 -9.22 -1.38 6.13
CA THR A 153 -10.17 -0.40 5.53
C THR A 153 -10.11 -0.48 4.01
N GLU A 154 -8.93 -0.75 3.44
CA GLU A 154 -8.78 -0.79 1.97
C GLU A 154 -7.92 -1.98 1.58
N THR A 155 -8.27 -2.65 0.47
CA THR A 155 -7.50 -3.82 0.00
C THR A 155 -7.30 -3.74 -1.51
N LEU A 156 -6.06 -3.85 -1.97
CA LEU A 156 -5.79 -3.91 -3.43
C LEU A 156 -5.48 -5.36 -3.74
N GLU A 157 -6.35 -6.05 -4.49
CA GLU A 157 -6.14 -7.50 -4.70
C GLU A 157 -6.01 -7.84 -6.18
N THR A 158 -5.44 -9.00 -6.49
CA THR A 158 -5.26 -9.43 -7.89
C THR A 158 -6.63 -9.67 -8.53
N VAL A 159 -6.81 -9.28 -9.79
CA VAL A 159 -8.09 -9.49 -10.50
C VAL A 159 -8.03 -10.84 -11.22
N LYS A 160 -6.81 -11.33 -11.49
CA LYS A 160 -6.64 -12.61 -12.21
C LYS A 160 -5.30 -13.23 -11.82
N GLU A 161 -5.13 -14.52 -12.10
CA GLU A 161 -3.87 -15.20 -11.71
C GLU A 161 -2.71 -14.47 -12.37
N GLU A 162 -1.62 -14.27 -11.62
CA GLU A 162 -0.43 -13.59 -12.17
C GLU A 162 0.81 -14.42 -11.83
N THR A 163 1.46 -15.00 -12.85
CA THR A 163 2.71 -15.77 -12.62
C THR A 163 3.88 -14.86 -12.96
N LEU A 164 4.64 -14.42 -11.95
CA LEU A 164 5.74 -13.45 -12.21
C LEU A 164 7.08 -14.06 -11.80
N LYS A 165 8.18 -13.54 -12.33
CA LYS A 165 9.53 -14.06 -12.01
C LYS A 165 10.52 -12.91 -11.90
N SER A 166 11.54 -13.05 -11.05
CA SER A 166 12.53 -11.96 -10.83
C SER A 166 13.96 -12.50 -10.98
N ASP A 167 14.86 -11.67 -11.51
CA ASP A 167 16.28 -12.06 -11.69
C ASP A 167 17.14 -11.20 -10.77
N ARG A 168 16.51 -10.51 -9.82
CA ARG A 168 17.24 -9.61 -8.90
C ARG A 168 18.06 -10.45 -7.91
N GLN A 169 19.22 -9.94 -7.49
CA GLN A 169 20.07 -10.66 -6.50
C GLN A 169 20.53 -9.64 -5.46
N TYR A 170 21.08 -10.11 -4.34
CA TYR A 170 21.54 -9.20 -3.26
C TYR A 170 22.89 -9.69 -2.71
N GLN A 188 16.17 -18.01 -11.56
CA GLN A 188 15.15 -16.96 -11.56
C GLN A 188 14.00 -17.33 -10.63
N ARG A 189 13.72 -16.49 -9.65
CA ARG A 189 12.67 -16.78 -8.70
C ARG A 189 11.30 -16.61 -9.35
N GLU A 190 10.33 -17.42 -8.92
CA GLU A 190 9.02 -17.44 -9.53
C GLU A 190 7.95 -17.46 -8.44
N VAL A 191 6.85 -16.73 -8.70
CA VAL A 191 5.71 -16.69 -7.75
C VAL A 191 4.41 -16.69 -8.55
N THR A 192 3.46 -17.57 -8.20
CA THR A 192 2.14 -17.58 -8.90
C THR A 192 1.08 -17.04 -7.94
N ILE A 193 0.70 -15.77 -8.09
CA ILE A 193 -0.26 -15.16 -7.16
C ILE A 193 -1.67 -15.54 -7.60
N PRO A 194 -2.40 -16.40 -6.84
CA PRO A 194 -3.74 -16.80 -7.21
C PRO A 194 -4.60 -15.53 -7.33
N PRO A 195 -5.77 -15.59 -7.99
CA PRO A 195 -6.58 -14.40 -8.18
C PRO A 195 -7.19 -13.93 -6.86
N ASN A 196 -7.66 -12.70 -6.81
CA ASN A 196 -8.37 -12.20 -5.61
C ASN A 196 -7.48 -12.41 -4.38
N ARG A 197 -6.17 -12.20 -4.53
CA ARG A 197 -5.26 -12.29 -3.35
C ARG A 197 -4.87 -10.87 -2.94
N VAL A 198 -5.08 -10.51 -1.67
CA VAL A 198 -4.77 -9.14 -1.20
C VAL A 198 -3.28 -8.90 -1.37
N LEU A 199 -2.90 -7.73 -1.90
CA LEU A 199 -1.46 -7.41 -2.13
C LEU A 199 -1.07 -6.27 -1.18
N SER A 200 -1.90 -5.24 -1.08
CA SER A 200 -1.62 -4.11 -0.15
C SER A 200 -2.86 -3.84 0.70
N TYR A 201 -2.69 -3.26 1.88
CA TYR A 201 -3.84 -3.04 2.79
C TYR A 201 -3.66 -1.78 3.61
N ARG A 202 -4.76 -1.07 3.87
CA ARG A 202 -4.72 0.14 4.73
C ARG A 202 -5.63 -0.13 5.93
N VAL A 203 -5.20 0.21 7.14
CA VAL A 203 -5.99 -0.13 8.36
C VAL A 203 -6.34 1.14 9.13
N LYS A 204 -7.43 1.10 9.90
CA LYS A 204 -7.80 2.25 10.75
C LYS A 204 -7.96 1.74 12.18
N GLN A 205 -7.68 2.58 13.18
CA GLN A 205 -7.69 2.10 14.59
C GLN A 205 -9.08 1.61 14.99
N LEU A 206 -9.14 0.55 15.80
CA LEU A 206 -10.44 0.04 16.29
C LEU A 206 -10.73 0.65 17.66
N VAL A 207 -11.78 1.46 17.77
CA VAL A 207 -12.09 2.16 19.05
C VAL A 207 -13.48 1.74 19.53
N PHE A 208 -13.73 1.82 20.84
CA PHE A 208 -15.04 1.41 21.40
C PHE A 208 -15.60 2.54 22.28
N PRO A 209 -16.94 2.62 22.45
CA PRO A 209 -17.57 3.66 23.27
C PRO A 209 -16.99 3.76 24.67
N ARG A 233 14.24 9.37 13.87
CA ARG A 233 14.52 7.97 14.27
C ARG A 233 15.59 7.37 13.36
N ASN A 234 16.86 7.68 13.63
CA ASN A 234 17.98 7.14 12.81
C ASN A 234 18.72 6.09 13.63
N MET A 235 18.96 4.91 13.05
CA MET A 235 19.67 3.84 13.76
C MET A 235 20.86 4.43 14.51
N LYS A 236 21.71 5.16 13.79
CA LYS A 236 22.95 5.70 14.43
C LYS A 236 22.53 6.37 15.73
N GLU A 237 21.52 7.23 15.67
CA GLU A 237 21.03 7.91 16.89
C GLU A 237 20.56 6.84 17.88
N LYS A 238 19.76 5.89 17.42
CA LYS A 238 19.20 4.87 18.33
C LYS A 238 20.33 4.12 19.03
N LEU A 239 21.23 3.52 18.26
CA LEU A 239 22.32 2.72 18.88
C LEU A 239 23.12 3.64 19.81
N GLU A 240 23.44 4.84 19.33
CA GLU A 240 24.14 5.81 20.19
C GLU A 240 23.38 5.94 21.50
N ASP A 241 22.10 6.29 21.42
CA ASP A 241 21.30 6.51 22.65
C ASP A 241 21.41 5.27 23.54
N MET A 242 21.17 4.09 22.96
CA MET A 242 21.18 2.84 23.77
C MET A 242 22.55 2.70 24.43
N GLU A 243 23.62 2.85 23.64
CA GLU A 243 24.99 2.68 24.18
C GLU A 243 25.16 3.63 25.36
N SER A 244 24.71 4.88 25.20
CA SER A 244 24.84 5.87 26.29
C SER A 244 24.11 5.33 27.52
N VAL A 245 22.86 4.91 27.36
CA VAL A 245 22.06 4.43 28.52
C VAL A 245 22.87 3.34 29.23
N LEU A 246 23.52 2.48 28.45
CA LEU A 246 24.24 1.33 29.07
C LEU A 246 25.54 1.80 29.72
N LYS A 247 26.18 2.86 29.19
CA LYS A 247 27.50 3.24 29.76
C LYS A 247 27.26 3.73 31.19
N ASP A 248 26.08 4.30 31.46
CA ASP A 248 25.74 4.76 32.83
C ASP A 248 25.34 3.54 33.65
N LEU A 249 26.16 2.49 33.64
CA LEU A 249 25.85 1.24 34.38
C LEU A 249 27.15 0.63 34.93
N THR A 250 27.07 0.01 36.11
CA THR A 250 28.28 -0.59 36.74
C THR A 250 28.80 -1.71 35.86
N GLU A 251 30.09 -2.02 35.99
CA GLU A 251 30.65 -3.16 35.23
C GLU A 251 29.88 -4.41 35.64
N GLU A 252 29.62 -4.56 36.94
CA GLU A 252 28.91 -5.76 37.44
C GLU A 252 27.52 -5.80 36.82
N LYS A 253 26.80 -4.68 36.85
CA LYS A 253 25.42 -4.65 36.30
C LYS A 253 25.49 -5.01 34.82
N ARG A 254 26.39 -4.37 34.08
CA ARG A 254 26.45 -4.61 32.61
C ARG A 254 26.73 -6.09 32.40
N LYS A 255 27.62 -6.67 33.21
CA LYS A 255 27.91 -8.11 33.10
C LYS A 255 26.59 -8.86 33.22
N ASP A 256 25.78 -8.51 34.20
CA ASP A 256 24.51 -9.23 34.42
C ASP A 256 23.67 -9.15 33.14
N VAL A 257 23.53 -7.94 32.59
CA VAL A 257 22.72 -7.76 31.35
C VAL A 257 23.30 -8.68 30.27
N LEU A 258 24.62 -8.63 30.11
CA LEU A 258 25.27 -9.46 29.06
C LEU A 258 24.95 -10.93 29.34
N ASN A 259 25.18 -11.38 30.58
CA ASN A 259 24.96 -12.81 30.90
C ASN A 259 23.57 -13.21 30.41
N SER A 260 22.62 -12.29 30.51
CA SER A 260 21.23 -12.60 30.11
C SER A 260 21.11 -12.57 28.58
N LEU A 261 21.42 -11.42 27.97
CA LEU A 261 21.31 -11.28 26.53
C LEU A 261 22.06 -12.39 25.79
N ALA A 262 23.11 -12.95 26.41
CA ALA A 262 23.80 -14.09 25.80
C ALA A 262 22.96 -15.35 25.92
N LYS A 263 22.22 -15.51 27.02
CA LYS A 263 21.21 -16.55 27.10
C LYS A 263 20.20 -16.40 25.97
N CYS A 264 19.83 -15.16 25.64
CA CYS A 264 18.86 -14.92 24.58
C CYS A 264 19.37 -15.35 23.19
N LEU A 265 20.68 -15.50 23.03
CA LEU A 265 21.23 -15.84 21.71
C LEU A 265 20.88 -17.28 21.35
N GLY A 266 20.14 -17.46 20.26
CA GLY A 266 19.80 -18.77 19.76
C GLY A 266 18.62 -19.43 20.44
N LYS A 267 17.94 -18.74 21.34
CA LYS A 267 16.79 -19.28 22.06
C LYS A 267 15.64 -18.28 21.97
N GLU A 268 14.72 -18.52 21.03
CA GLU A 268 13.52 -17.69 20.94
C GLU A 268 12.67 -17.83 22.20
N ASP A 269 12.70 -19.00 22.84
CA ASP A 269 12.04 -19.17 24.12
C ASP A 269 12.55 -18.17 25.14
N ILE A 270 13.87 -18.18 25.36
CA ILE A 270 14.47 -17.28 26.34
C ILE A 270 14.32 -15.83 25.91
N ARG A 271 14.37 -15.56 24.60
CA ARG A 271 14.20 -14.19 24.13
C ARG A 271 12.81 -13.66 24.47
N GLN A 272 11.76 -14.43 24.13
CA GLN A 272 10.41 -14.00 24.46
C GLN A 272 10.21 -13.91 25.97
N ASP A 273 10.78 -14.85 26.72
CA ASP A 273 10.63 -14.83 28.18
C ASP A 273 11.26 -13.56 28.77
N LEU A 274 12.49 -13.24 28.38
CA LEU A 274 13.16 -12.08 28.94
C LEU A 274 12.54 -10.78 28.46
N GLU A 275 12.05 -10.76 27.21
CA GLU A 275 11.32 -9.59 26.73
C GLU A 275 10.06 -9.35 27.54
N GLN A 276 9.26 -10.41 27.72
CA GLN A 276 8.06 -10.32 28.54
C GLN A 276 8.38 -9.87 29.95
N ARG A 277 9.47 -10.37 30.54
CA ARG A 277 9.76 -10.05 31.94
C ARG A 277 10.30 -8.64 32.10
N VAL A 278 11.18 -8.19 31.18
CA VAL A 278 11.61 -6.80 31.19
C VAL A 278 10.40 -5.88 31.06
N SER A 279 9.49 -6.19 30.13
CA SER A 279 8.30 -5.38 29.98
C SER A 279 7.41 -5.44 31.22
N GLU A 280 7.34 -6.61 31.87
CA GLU A 280 6.48 -6.76 33.03
C GLU A 280 6.98 -5.94 34.22
N VAL A 281 8.27 -6.04 34.52
CA VAL A 281 8.82 -5.22 35.59
C VAL A 281 9.00 -3.76 35.18
N LEU A 282 8.83 -3.45 33.89
CA LEU A 282 8.69 -2.07 33.47
C LEU A 282 7.28 -1.56 33.74
N ILE A 283 6.28 -2.42 33.61
CA ILE A 283 4.90 -2.05 33.93
C ILE A 283 4.75 -1.87 35.43
N SER A 284 5.06 -2.93 36.20
CA SER A 284 4.92 -2.88 37.64
C SER A 284 5.97 -1.97 38.27
N GLY A 285 7.15 -1.88 37.69
CA GLY A 285 8.19 -1.03 38.24
C GLY A 285 8.76 -1.50 39.56
N GLU A 286 8.52 -2.75 39.93
CA GLU A 286 8.94 -3.29 41.22
C GLU A 286 9.75 -4.55 40.99
N LEU A 287 10.90 -4.64 41.65
CA LEU A 287 11.71 -5.84 41.59
C LEU A 287 10.99 -6.96 42.35
N HIS A 288 10.67 -8.05 41.64
CA HIS A 288 10.09 -9.21 42.28
C HIS A 288 11.02 -9.73 43.36
N MET A 289 10.44 -10.35 44.39
CA MET A 289 11.26 -10.94 45.44
C MET A 289 12.27 -11.92 44.87
N GLU A 290 11.81 -12.82 44.01
CA GLU A 290 12.67 -13.74 43.27
C GLU A 290 12.21 -13.76 41.82
N ASP A 291 13.18 -13.77 40.91
CA ASP A 291 12.89 -13.83 39.48
C ASP A 291 14.03 -14.61 38.84
N PRO A 292 13.72 -15.51 37.90
CA PRO A 292 14.80 -16.30 37.28
C PRO A 292 15.85 -15.46 36.58
N ASP A 293 15.47 -14.30 36.04
CA ASP A 293 16.45 -13.34 35.55
C ASP A 293 16.40 -12.08 36.40
N LYS A 294 16.50 -12.26 37.72
CA LYS A 294 16.44 -11.13 38.63
C LYS A 294 17.58 -10.13 38.47
N PRO A 295 18.85 -10.54 38.26
CA PRO A 295 19.92 -9.53 38.14
C PRO A 295 19.72 -8.57 36.96
N LEU A 296 19.11 -9.03 35.87
CA LEU A 296 18.83 -8.15 34.74
C LEU A 296 17.90 -7.00 35.15
N LEU A 297 16.73 -7.36 35.68
CA LEU A 297 15.77 -6.35 36.11
C LEU A 297 16.32 -5.53 37.27
N SER A 298 17.23 -6.10 38.05
CA SER A 298 17.92 -5.32 39.09
C SER A 298 18.81 -4.27 38.47
N SER A 299 19.52 -4.63 37.40
CA SER A 299 20.28 -3.65 36.63
C SER A 299 19.39 -2.60 36.00
N LEU A 300 18.12 -2.93 35.76
CA LEU A 300 17.18 -1.94 35.22
C LEU A 300 16.97 -0.78 36.19
N PHE A 301 16.97 -1.06 37.49
CA PHE A 301 16.77 -0.01 38.50
C PHE A 301 18.11 0.62 38.86
N ASN A 302 18.05 1.90 39.26
CA ASN A 302 19.30 2.62 39.62
C ASN A 302 19.73 2.22 41.04
N ALA A 303 20.76 2.89 41.58
CA ALA A 303 21.22 2.59 42.95
C ALA A 303 20.07 2.83 43.94
N ALA A 304 19.29 3.89 43.71
CA ALA A 304 18.14 4.20 44.60
C ALA A 304 17.01 3.20 44.34
N GLY A 305 17.13 2.38 43.30
CA GLY A 305 16.08 1.41 42.95
C GLY A 305 15.09 2.03 41.97
N VAL A 306 15.14 3.36 41.80
CA VAL A 306 14.25 4.06 40.83
C VAL A 306 14.49 3.45 39.45
N LEU A 307 13.44 2.93 38.81
CA LEU A 307 13.61 2.29 37.51
C LEU A 307 14.00 3.34 36.47
N VAL A 308 15.20 3.21 35.93
CA VAL A 308 15.62 4.01 34.78
C VAL A 308 14.96 3.37 33.55
N GLU A 309 13.86 3.98 33.10
CA GLU A 309 13.08 3.38 32.01
C GLU A 309 13.89 3.26 30.74
N ALA A 310 14.91 4.11 30.57
CA ALA A 310 15.75 4.04 29.38
C ALA A 310 16.44 2.69 29.27
N ARG A 311 16.86 2.15 30.40
CA ARG A 311 17.59 0.85 30.39
C ARG A 311 16.65 -0.19 29.79
N ALA A 312 15.47 -0.35 30.40
CA ALA A 312 14.52 -1.38 29.93
C ALA A 312 14.18 -1.13 28.46
N LYS A 313 13.78 0.09 28.13
CA LYS A 313 13.35 0.35 26.73
C LYS A 313 14.45 -0.16 25.80
N ALA A 314 15.70 0.21 26.10
CA ALA A 314 16.81 -0.20 25.22
C ALA A 314 16.95 -1.73 25.23
N ILE A 315 16.94 -2.33 26.42
CA ILE A 315 17.15 -3.81 26.48
C ILE A 315 16.08 -4.45 25.61
N LEU A 316 14.85 -3.96 25.71
CA LEU A 316 13.78 -4.48 24.84
C LEU A 316 14.18 -4.22 23.39
N ASP A 317 14.69 -3.01 23.10
CA ASP A 317 15.06 -2.66 21.72
C ASP A 317 16.09 -3.67 21.19
N PHE A 318 17.10 -3.98 22.00
CA PHE A 318 18.10 -4.99 21.59
C PHE A 318 17.37 -6.28 21.25
N LEU A 319 16.45 -6.67 22.12
CA LEU A 319 15.69 -7.92 21.90
C LEU A 319 14.90 -7.81 20.59
N ASP A 320 14.26 -6.66 20.38
CA ASP A 320 13.43 -6.49 19.15
C ASP A 320 14.33 -6.74 17.94
N ALA A 321 15.53 -6.16 17.95
CA ALA A 321 16.46 -6.32 16.81
C ALA A 321 16.83 -7.79 16.67
N LEU A 322 17.21 -8.42 17.78
CA LEU A 322 17.61 -9.85 17.74
C LEU A 322 16.51 -10.62 17.00
N LEU A 323 15.26 -10.16 17.06
CA LEU A 323 14.22 -10.84 16.31
C LEU A 323 14.52 -10.88 14.81
N GLU A 324 15.18 -9.84 14.30
CA GLU A 324 15.47 -9.75 12.87
C GLU A 324 16.65 -10.60 12.42
N LEU A 325 17.31 -11.25 13.37
CA LEU A 325 18.51 -12.06 13.02
C LEU A 325 18.25 -13.51 13.43
N SER A 326 17.81 -14.33 12.48
CA SER A 326 17.44 -15.73 12.82
C SER A 326 18.66 -16.64 12.65
N GLU A 327 19.27 -16.64 11.46
CA GLU A 327 20.38 -17.58 11.20
C GLU A 327 21.70 -16.94 11.67
N GLU A 328 21.85 -15.64 11.43
CA GLU A 328 23.10 -14.93 11.79
C GLU A 328 23.35 -15.08 13.29
N GLN A 329 22.30 -15.29 14.08
CA GLN A 329 22.47 -15.32 15.56
C GLN A 329 23.65 -16.21 15.93
N GLN A 330 23.77 -17.39 15.31
CA GLN A 330 24.84 -18.32 15.71
C GLN A 330 26.18 -17.57 15.64
N PHE A 331 26.41 -16.86 14.55
CA PHE A 331 27.68 -16.11 14.40
C PHE A 331 27.92 -15.30 15.68
N VAL A 332 26.98 -14.42 16.02
CA VAL A 332 27.19 -13.53 17.19
C VAL A 332 27.50 -14.39 18.40
N ALA A 333 26.78 -15.50 18.58
CA ALA A 333 26.97 -16.33 19.79
C ALA A 333 28.41 -16.85 19.83
N GLU A 334 28.85 -17.45 18.74
CA GLU A 334 30.21 -18.04 18.69
C GLU A 334 31.20 -16.92 19.02
N ALA A 335 30.98 -15.73 18.46
CA ALA A 335 31.92 -14.62 18.69
C ALA A 335 31.98 -14.30 20.18
N LEU A 336 30.81 -14.08 20.79
CA LEU A 336 30.77 -13.75 22.24
C LEU A 336 31.44 -14.90 22.99
N GLU A 337 31.47 -16.08 22.38
CA GLU A 337 32.06 -17.27 23.05
C GLU A 337 33.57 -17.30 22.79
N LYS A 338 34.07 -16.43 21.92
CA LYS A 338 35.52 -16.48 21.57
C LYS A 338 36.14 -15.08 21.66
N GLY A 339 35.31 -14.06 21.84
CA GLY A 339 35.81 -12.67 21.96
C GLY A 339 36.23 -12.11 20.61
N THR A 340 35.60 -12.60 19.53
CA THR A 340 35.91 -12.10 18.17
C THR A 340 34.93 -11.00 17.80
N LEU A 341 33.98 -10.70 18.70
CA LEU A 341 32.92 -9.71 18.38
C LEU A 341 33.52 -8.51 17.64
N PRO A 342 34.61 -7.89 18.13
CA PRO A 342 35.14 -6.70 17.49
C PRO A 342 35.29 -6.95 15.98
N LEU A 343 35.87 -8.09 15.62
CA LEU A 343 36.11 -8.39 14.19
C LEU A 343 34.78 -8.39 13.46
N LEU A 344 33.78 -9.08 14.01
CA LEU A 344 32.45 -9.18 13.35
C LEU A 344 31.88 -7.77 13.18
N LYS A 345 31.99 -6.95 14.22
CA LYS A 345 31.39 -5.59 14.13
C LYS A 345 32.00 -4.91 12.91
N ASP A 346 33.30 -5.06 12.73
CA ASP A 346 33.97 -4.37 11.60
C ASP A 346 33.42 -4.91 10.28
N GLN A 347 33.35 -6.23 10.11
CA GLN A 347 32.90 -6.77 8.80
C GLN A 347 31.52 -6.19 8.51
N VAL A 348 30.64 -6.21 9.50
CA VAL A 348 29.27 -5.67 9.32
C VAL A 348 29.42 -4.23 8.85
N LYS A 349 30.30 -3.46 9.48
CA LYS A 349 30.46 -2.03 9.13
C LYS A 349 30.97 -1.95 7.69
N SER A 350 31.95 -2.78 7.34
CA SER A 350 32.54 -2.71 5.98
C SER A 350 31.43 -2.94 4.95
N VAL A 351 30.72 -4.06 5.07
CA VAL A 351 29.67 -4.40 4.07
C VAL A 351 28.68 -3.23 4.02
N MET A 352 28.25 -2.77 5.19
CA MET A 352 27.29 -1.64 5.22
C MET A 352 27.87 -0.47 4.43
N GLU A 353 29.05 0.00 4.80
CA GLU A 353 29.66 1.18 4.13
C GLU A 353 29.93 0.86 2.66
N GLN A 354 30.48 -0.31 2.35
CA GLN A 354 30.87 -0.61 0.96
C GLN A 354 29.66 -0.63 0.03
N ASN A 355 28.62 -1.39 0.38
CA ASN A 355 27.47 -1.53 -0.55
C ASN A 355 26.44 -0.44 -0.30
N TRP A 356 26.72 0.49 0.63
CA TRP A 356 25.69 1.50 0.96
C TRP A 356 26.33 2.84 1.32
N ASP A 357 25.98 3.89 0.61
CA ASP A 357 26.51 5.25 0.92
C ASP A 357 25.63 5.86 2.02
N GLU A 358 26.22 6.17 3.17
CA GLU A 358 25.46 6.80 4.29
C GLU A 358 24.24 5.94 4.61
N LEU A 359 24.42 4.63 4.71
CA LEU A 359 23.29 3.74 5.10
C LEU A 359 22.81 4.17 6.48
N ALA A 360 23.70 4.78 7.27
CA ALA A 360 23.34 5.24 8.63
C ALA A 360 22.80 6.67 8.56
N SER A 361 22.78 7.26 7.37
CA SER A 361 22.25 8.64 7.21
C SER A 361 21.07 8.85 8.16
N ASP A 369 17.33 -2.48 0.88
CA ASP A 369 17.52 -3.94 0.73
C ASP A 369 17.18 -4.62 2.06
N PRO A 370 16.44 -5.75 2.09
CA PRO A 370 16.19 -6.45 3.34
C PRO A 370 17.53 -6.62 4.07
N GLU A 371 18.59 -6.88 3.31
CA GLU A 371 19.93 -7.07 3.91
C GLU A 371 20.29 -5.84 4.73
N ALA A 372 19.98 -4.66 4.20
CA ALA A 372 20.35 -3.41 4.91
C ALA A 372 19.79 -3.44 6.32
N ARG A 373 18.48 -3.67 6.43
CA ARG A 373 17.84 -3.76 7.77
C ARG A 373 18.56 -4.85 8.56
N ILE A 374 18.78 -6.00 7.93
CA ILE A 374 19.45 -7.14 8.63
C ILE A 374 20.79 -6.65 9.16
N LEU A 375 21.57 -5.95 8.32
CA LEU A 375 22.91 -5.49 8.74
C LEU A 375 22.76 -4.53 9.93
N CYS A 376 21.85 -3.57 9.82
CA CYS A 376 21.70 -2.56 10.89
C CYS A 376 21.46 -3.32 12.20
N ALA A 377 20.66 -4.39 12.13
CA ALA A 377 20.37 -5.18 13.34
C ALA A 377 21.66 -5.75 13.90
N LEU A 378 22.47 -6.38 13.05
CA LEU A 378 23.70 -7.04 13.54
C LEU A 378 24.60 -5.98 14.18
N TYR A 379 24.70 -4.81 13.54
CA TYR A 379 25.53 -3.72 14.12
C TYR A 379 24.99 -3.41 15.52
N VAL A 380 23.69 -3.16 15.61
CA VAL A 380 23.10 -2.79 16.93
C VAL A 380 23.44 -3.89 17.91
N VAL A 381 23.12 -5.13 17.56
CA VAL A 381 23.34 -6.26 18.52
C VAL A 381 24.82 -6.31 18.88
N VAL A 382 25.70 -6.41 17.89
CA VAL A 382 27.15 -6.58 18.21
C VAL A 382 27.61 -5.36 18.99
N SER A 383 27.23 -4.16 18.54
CA SER A 383 27.70 -2.93 19.21
C SER A 383 27.35 -3.02 20.70
N ILE A 384 26.09 -3.30 21.00
CA ILE A 384 25.67 -3.34 22.43
C ILE A 384 26.50 -4.40 23.15
N LEU A 385 26.49 -5.62 22.62
CA LEU A 385 27.23 -6.72 23.29
C LEU A 385 28.65 -6.23 23.57
N LEU A 386 29.38 -5.85 22.52
CA LEU A 386 30.77 -5.44 22.71
C LEU A 386 30.87 -4.32 23.74
N GLU A 387 29.83 -3.49 23.85
CA GLU A 387 29.84 -2.40 24.81
C GLU A 387 29.65 -2.92 26.23
N LEU A 388 28.87 -3.99 26.40
CA LEU A 388 28.68 -4.56 27.74
C LEU A 388 29.95 -5.25 28.23
N ALA A 389 30.61 -6.02 27.38
CA ALA A 389 31.79 -6.78 27.77
C ALA A 389 32.97 -5.86 28.08
N HIS B 5 -30.29 -2.83 -41.66
CA HIS B 5 -30.00 -4.28 -41.84
C HIS B 5 -28.49 -4.49 -41.97
N TYR B 6 -27.73 -4.13 -40.94
CA TYR B 6 -26.25 -4.32 -40.95
C TYR B 6 -25.94 -5.71 -40.41
N LEU B 7 -26.98 -6.52 -40.19
CA LEU B 7 -26.78 -7.90 -39.70
C LEU B 7 -25.90 -8.63 -40.71
N ARG B 8 -26.15 -8.40 -42.00
CA ARG B 8 -25.29 -8.99 -43.04
C ARG B 8 -23.86 -8.47 -42.85
N ILE B 9 -23.73 -7.16 -42.60
CA ILE B 9 -22.39 -6.56 -42.36
C ILE B 9 -21.77 -7.28 -41.16
N LEU B 10 -22.57 -7.50 -40.12
CA LEU B 10 -22.07 -8.22 -38.92
C LEU B 10 -21.48 -9.54 -39.41
N THR B 11 -22.24 -10.26 -40.24
CA THR B 11 -21.75 -11.55 -40.78
C THR B 11 -20.44 -11.31 -41.53
N GLU B 12 -20.42 -10.29 -42.38
CA GLU B 12 -19.20 -9.99 -43.19
C GLU B 12 -18.03 -9.85 -42.23
N TRP B 13 -18.22 -9.03 -41.19
CA TRP B 13 -17.14 -8.80 -40.22
C TRP B 13 -16.61 -10.16 -39.78
N GLU B 14 -17.51 -11.08 -39.48
CA GLU B 14 -17.10 -12.44 -39.03
C GLU B 14 -16.27 -13.10 -40.13
N LYS B 15 -16.76 -13.05 -41.37
CA LYS B 15 -16.06 -13.72 -42.50
C LYS B 15 -14.66 -13.12 -42.64
N ASN B 16 -14.47 -11.91 -42.08
CA ASN B 16 -13.16 -11.21 -42.18
C ASN B 16 -12.40 -11.37 -40.86
N SER B 17 -12.58 -12.51 -40.18
CA SER B 17 -11.85 -12.77 -38.92
C SER B 17 -10.44 -13.27 -39.24
N SER B 18 -9.44 -12.39 -39.17
CA SER B 18 -8.04 -12.78 -39.45
C SER B 18 -7.63 -13.90 -38.48
N PRO B 19 -6.72 -14.81 -38.85
CA PRO B 19 -6.36 -15.94 -37.98
C PRO B 19 -6.11 -15.42 -36.56
N GLY B 20 -6.87 -15.90 -35.58
CA GLY B 20 -6.73 -15.43 -34.19
C GLY B 20 -7.95 -14.68 -33.72
N GLU B 21 -8.66 -14.03 -34.65
CA GLU B 21 -9.84 -13.24 -34.26
C GLU B 21 -11.01 -14.16 -33.95
N GLU B 22 -11.57 -14.03 -32.76
CA GLU B 22 -12.78 -14.83 -32.39
C GLU B 22 -14.01 -14.02 -32.77
N ARG B 23 -14.04 -13.47 -34.00
CA ARG B 23 -15.16 -12.58 -34.41
C ARG B 23 -16.50 -13.32 -34.30
N GLY B 24 -16.49 -14.63 -34.55
CA GLY B 24 -17.75 -15.39 -34.53
C GLY B 24 -18.45 -15.23 -33.19
N ILE B 25 -17.71 -15.40 -32.10
CA ILE B 25 -18.32 -15.31 -30.74
C ILE B 25 -18.99 -13.94 -30.65
N ALA B 26 -18.26 -12.89 -31.03
CA ALA B 26 -18.81 -11.53 -30.96
C ALA B 26 -20.04 -11.46 -31.85
N PHE B 27 -19.95 -12.03 -33.06
CA PHE B 27 -21.09 -12.01 -33.98
C PHE B 27 -22.32 -12.51 -33.22
N ASN B 28 -22.16 -13.66 -32.57
CA ASN B 28 -23.28 -14.23 -31.77
C ASN B 28 -23.63 -13.23 -30.68
N ARG B 29 -22.64 -12.74 -29.93
CA ARG B 29 -22.95 -11.83 -28.80
C ARG B 29 -23.70 -10.62 -29.34
N LEU B 30 -23.19 -9.99 -30.41
CA LEU B 30 -23.83 -8.78 -30.95
C LEU B 30 -25.25 -9.12 -31.40
N SER B 31 -25.39 -10.21 -32.15
CA SER B 31 -26.72 -10.62 -32.65
C SER B 31 -27.67 -10.77 -31.46
N GLN B 32 -27.23 -11.46 -30.42
CA GLN B 32 -28.10 -11.71 -29.25
C GLN B 32 -28.58 -10.37 -28.71
N CYS B 33 -27.65 -9.45 -28.47
CA CYS B 33 -28.02 -8.13 -27.90
C CYS B 33 -29.03 -7.47 -28.83
N PHE B 34 -28.77 -7.53 -30.14
CA PHE B 34 -29.66 -6.85 -31.11
C PHE B 34 -31.05 -7.49 -31.08
N GLN B 35 -31.08 -8.82 -31.17
CA GLN B 35 -32.39 -9.54 -31.22
C GLN B 35 -33.12 -9.36 -29.88
N ASN B 36 -32.39 -9.39 -28.77
CA ASN B 36 -33.05 -9.33 -27.45
C ASN B 36 -33.06 -7.88 -26.94
N GLN B 37 -32.64 -6.93 -27.78
CA GLN B 37 -32.56 -5.53 -27.30
C GLN B 37 -31.85 -5.51 -25.94
N GLU B 38 -30.69 -6.17 -25.85
CA GLU B 38 -29.95 -6.22 -24.56
C GLU B 38 -29.31 -4.86 -24.29
N ALA B 39 -28.77 -4.66 -23.08
CA ALA B 39 -28.23 -3.33 -22.72
C ALA B 39 -26.72 -3.41 -22.44
N VAL B 40 -26.16 -4.63 -22.39
CA VAL B 40 -24.71 -4.77 -22.05
C VAL B 40 -23.99 -5.45 -23.21
N LEU B 41 -23.04 -4.76 -23.84
CA LEU B 41 -22.26 -5.38 -24.91
C LEU B 41 -20.82 -5.50 -24.45
N ASN B 42 -20.36 -6.75 -24.27
CA ASN B 42 -18.95 -6.98 -23.85
C ASN B 42 -18.29 -7.93 -24.86
N LEU B 43 -17.44 -7.38 -25.74
CA LEU B 43 -16.73 -8.22 -26.75
C LEU B 43 -15.27 -8.37 -26.33
N SER B 44 -14.98 -8.21 -25.03
CA SER B 44 -13.59 -8.30 -24.53
C SER B 44 -13.06 -9.73 -24.65
N ASP B 45 -11.73 -9.90 -24.68
CA ASP B 45 -11.14 -11.25 -24.71
C ASP B 45 -11.58 -12.00 -25.98
N LEU B 46 -11.61 -11.31 -27.12
CA LEU B 46 -12.05 -11.94 -28.39
C LEU B 46 -10.99 -11.72 -29.48
N ASN B 47 -9.84 -11.15 -29.11
CA ASN B 47 -8.75 -10.90 -30.10
C ASN B 47 -9.33 -10.15 -31.29
N LEU B 48 -10.02 -9.05 -31.04
CA LEU B 48 -10.66 -8.30 -32.16
C LEU B 48 -9.73 -7.19 -32.63
N THR B 49 -9.60 -7.04 -33.95
CA THR B 49 -8.70 -6.00 -34.54
C THR B 49 -9.57 -4.83 -35.00
N SER B 50 -10.89 -5.02 -34.99
CA SER B 50 -11.83 -3.95 -35.43
C SER B 50 -13.21 -4.23 -34.85
N LEU B 51 -14.10 -3.24 -34.90
CA LEU B 51 -15.45 -3.42 -34.32
C LEU B 51 -16.51 -3.03 -35.36
N PRO B 52 -17.52 -3.88 -35.62
CA PRO B 52 -18.59 -3.52 -36.53
C PRO B 52 -19.51 -2.46 -35.90
N GLU B 53 -20.38 -1.82 -36.72
CA GLU B 53 -21.28 -0.82 -36.20
C GLU B 53 -21.99 -1.33 -34.95
N LEU B 54 -22.16 -0.46 -33.98
CA LEU B 54 -22.78 -0.84 -32.73
C LEU B 54 -24.24 -0.43 -32.70
N PRO B 55 -25.09 -1.25 -32.07
CA PRO B 55 -26.50 -0.86 -31.90
C PRO B 55 -26.63 0.44 -31.14
N LYS B 56 -27.53 1.32 -31.60
CA LYS B 56 -27.65 2.64 -30.95
C LYS B 56 -28.31 2.51 -29.58
N HIS B 57 -28.89 1.34 -29.28
CA HIS B 57 -29.64 1.19 -28.01
C HIS B 57 -28.70 0.95 -26.83
N ILE B 58 -27.55 0.32 -27.07
CA ILE B 58 -26.63 -0.03 -25.96
C ILE B 58 -26.15 1.24 -25.26
N SER B 59 -25.92 1.18 -23.95
CA SER B 59 -25.38 2.36 -23.21
C SER B 59 -24.10 1.94 -22.47
N ALA B 60 -23.69 0.68 -22.64
CA ALA B 60 -22.45 0.19 -21.99
C ALA B 60 -21.71 -0.77 -22.93
N LEU B 61 -20.51 -0.40 -23.36
CA LEU B 61 -19.70 -1.28 -24.24
C LEU B 61 -18.42 -1.68 -23.52
N ILE B 62 -18.18 -2.98 -23.38
CA ILE B 62 -16.93 -3.46 -22.73
C ILE B 62 -16.10 -4.18 -23.80
N VAL B 63 -15.01 -3.57 -24.25
CA VAL B 63 -14.21 -4.18 -25.36
C VAL B 63 -12.74 -4.22 -24.97
N GLU B 64 -12.46 -4.54 -23.71
CA GLU B 64 -11.04 -4.52 -23.25
C GLU B 64 -10.35 -5.81 -23.68
N ASN B 65 -9.05 -5.92 -23.39
CA ASN B 65 -8.29 -7.14 -23.74
C ASN B 65 -8.55 -7.50 -25.21
N ASN B 66 -8.30 -6.56 -26.12
CA ASN B 66 -8.48 -6.81 -27.58
C ASN B 66 -7.45 -5.95 -28.34
N LYS B 67 -7.34 -6.12 -29.65
CA LYS B 67 -6.29 -5.40 -30.44
C LYS B 67 -6.94 -4.30 -31.28
N LEU B 68 -7.75 -3.45 -30.66
CA LEU B 68 -8.43 -2.36 -31.39
C LEU B 68 -7.49 -1.15 -31.48
N THR B 69 -7.61 -0.35 -32.54
CA THR B 69 -6.76 0.86 -32.72
C THR B 69 -7.66 2.08 -32.82
N SER B 70 -8.88 1.90 -33.32
CA SER B 70 -9.85 3.02 -33.42
C SER B 70 -11.24 2.46 -33.10
N LEU B 71 -12.16 3.31 -32.63
CA LEU B 71 -13.49 2.79 -32.21
C LEU B 71 -14.59 3.39 -33.10
N PRO B 72 -15.61 2.59 -33.47
CA PRO B 72 -16.73 3.11 -34.26
C PRO B 72 -17.43 4.23 -33.48
N LYS B 73 -18.32 4.97 -34.14
CA LYS B 73 -19.08 6.05 -33.46
C LYS B 73 -19.81 5.45 -32.25
N LEU B 74 -19.95 6.22 -31.17
CA LEU B 74 -20.57 5.68 -29.94
C LEU B 74 -22.04 6.07 -29.90
N PRO B 75 -22.98 5.13 -29.60
CA PRO B 75 -24.39 5.46 -29.48
C PRO B 75 -24.57 6.74 -28.64
N ALA B 76 -25.49 7.61 -29.04
CA ALA B 76 -25.69 8.91 -28.34
C ALA B 76 -26.27 8.67 -26.95
N PHE B 77 -26.55 7.42 -26.60
CA PHE B 77 -27.11 7.13 -25.30
C PHE B 77 -26.17 6.29 -24.44
N LEU B 78 -24.89 6.21 -24.82
CA LEU B 78 -23.92 5.46 -24.05
C LEU B 78 -23.65 6.17 -22.72
N LYS B 79 -23.33 5.40 -21.69
CA LYS B 79 -23.06 6.00 -20.36
C LYS B 79 -21.77 5.44 -19.77
N GLU B 80 -21.31 4.28 -20.26
CA GLU B 80 -20.02 3.72 -19.77
C GLU B 80 -19.23 3.12 -20.94
N LEU B 81 -17.93 3.43 -21.02
CA LEU B 81 -17.10 2.91 -22.14
C LEU B 81 -15.80 2.30 -21.60
N ASN B 82 -15.60 1.01 -21.79
CA ASN B 82 -14.37 0.33 -21.31
C ASN B 82 -13.53 -0.11 -22.52
N ALA B 83 -12.38 0.51 -22.73
CA ALA B 83 -11.53 0.18 -23.90
C ALA B 83 -10.11 -0.08 -23.43
N ASP B 84 -9.96 -0.51 -22.18
CA ASP B 84 -8.61 -0.75 -21.61
C ASP B 84 -7.94 -1.89 -22.39
N ASN B 85 -6.63 -2.05 -22.22
CA ASN B 85 -5.90 -3.16 -22.89
C ASN B 85 -6.20 -3.12 -24.39
N ASN B 86 -6.21 -1.93 -24.98
CA ASN B 86 -6.42 -1.80 -26.45
C ASN B 86 -5.34 -0.85 -26.97
N ARG B 87 -5.12 -0.82 -28.28
CA ARG B 87 -4.06 0.05 -28.85
C ARG B 87 -4.73 1.31 -29.38
N LEU B 88 -5.91 1.65 -28.86
CA LEU B 88 -6.66 2.82 -29.38
C LEU B 88 -5.70 3.99 -29.55
N SER B 89 -5.75 4.66 -30.70
CA SER B 89 -4.91 5.85 -30.95
C SER B 89 -5.77 7.09 -30.75
N VAL B 90 -7.08 6.92 -30.89
CA VAL B 90 -8.02 8.06 -30.69
C VAL B 90 -9.40 7.49 -30.31
N ILE B 91 -10.18 8.25 -29.55
CA ILE B 91 -11.53 7.80 -29.11
C ILE B 91 -12.58 8.63 -29.86
N PRO B 92 -13.64 8.01 -30.40
CA PRO B 92 -14.67 8.73 -31.12
C PRO B 92 -15.41 9.73 -30.21
N GLU B 93 -16.28 10.55 -30.80
CA GLU B 93 -17.00 11.58 -30.02
C GLU B 93 -17.59 10.97 -28.75
N LEU B 94 -17.63 11.74 -27.65
CA LEU B 94 -18.22 11.23 -26.42
C LEU B 94 -19.64 11.74 -26.30
N PRO B 95 -20.66 10.86 -26.18
CA PRO B 95 -22.03 11.30 -25.97
C PRO B 95 -22.17 11.98 -24.61
N GLU B 96 -22.98 13.02 -24.51
CA GLU B 96 -23.20 13.73 -23.23
C GLU B 96 -23.80 12.74 -22.22
N SER B 97 -24.33 11.62 -22.71
CA SER B 97 -24.92 10.60 -21.81
C SER B 97 -23.82 9.81 -21.10
N LEU B 98 -22.62 9.77 -21.69
CA LEU B 98 -21.50 8.98 -21.10
C LEU B 98 -21.20 9.51 -19.69
N THR B 99 -21.14 8.61 -18.71
CA THR B 99 -20.83 9.02 -17.31
C THR B 99 -19.53 8.34 -16.88
N THR B 100 -19.15 7.25 -17.55
CA THR B 100 -17.90 6.53 -17.22
C THR B 100 -17.09 6.28 -18.51
N LEU B 101 -15.81 6.67 -18.51
CA LEU B 101 -14.95 6.50 -19.71
C LEU B 101 -13.59 5.94 -19.27
N SER B 102 -13.40 4.62 -19.40
CA SER B 102 -12.11 4.00 -19.04
C SER B 102 -11.41 3.48 -20.31
N VAL B 103 -10.27 4.07 -20.67
CA VAL B 103 -9.50 3.61 -21.87
C VAL B 103 -8.02 3.54 -21.48
N ARG B 104 -7.73 2.98 -20.30
CA ARG B 104 -6.32 2.87 -19.84
C ARG B 104 -5.62 1.75 -20.61
N SER B 105 -4.30 1.59 -20.42
CA SER B 105 -3.54 0.57 -21.18
C SER B 105 -3.68 0.83 -22.68
N ASN B 106 -3.69 2.11 -23.08
CA ASN B 106 -3.81 2.47 -24.49
C ASN B 106 -2.68 3.42 -24.87
N GLN B 107 -2.69 3.83 -26.14
CA GLN B 107 -1.68 4.72 -26.68
C GLN B 107 -2.23 6.11 -26.97
N LEU B 108 -3.24 6.51 -26.20
CA LEU B 108 -3.87 7.84 -26.41
C LEU B 108 -2.86 8.93 -26.04
N GLU B 109 -2.68 9.93 -26.91
CA GLU B 109 -1.77 11.06 -26.63
C GLU B 109 -2.61 12.31 -26.37
N ASN B 110 -3.88 12.28 -26.79
CA ASN B 110 -4.81 13.41 -26.53
C ASN B 110 -6.20 12.84 -26.27
N LEU B 111 -7.08 13.61 -25.64
CA LEU B 111 -8.42 13.07 -25.28
C LEU B 111 -9.52 13.91 -25.90
N PRO B 112 -10.65 13.30 -26.32
CA PRO B 112 -11.76 14.04 -26.89
C PRO B 112 -12.40 14.94 -25.83
N VAL B 113 -13.28 15.85 -26.25
CA VAL B 113 -13.99 16.73 -25.29
C VAL B 113 -14.75 15.85 -24.31
N LEU B 114 -14.79 16.24 -23.04
CA LEU B 114 -15.43 15.38 -22.01
C LEU B 114 -16.83 15.91 -21.70
N PRO B 115 -17.90 15.09 -21.77
CA PRO B 115 -19.23 15.57 -21.39
C PRO B 115 -19.20 16.13 -19.97
N ASN B 116 -20.24 16.87 -19.58
CA ASN B 116 -20.29 17.48 -18.22
C ASN B 116 -21.07 16.55 -17.29
N HIS B 117 -21.59 15.45 -17.82
CA HIS B 117 -22.32 14.47 -16.98
C HIS B 117 -21.44 13.23 -16.76
N LEU B 118 -20.14 13.36 -17.02
CA LEU B 118 -19.21 12.23 -16.77
C LEU B 118 -18.77 12.28 -15.31
N THR B 119 -18.77 11.13 -14.65
CA THR B 119 -18.38 11.07 -13.21
C THR B 119 -17.10 10.26 -13.05
N SER B 120 -16.78 9.40 -14.03
CA SER B 120 -15.59 8.53 -13.92
C SER B 120 -14.73 8.63 -15.19
N LEU B 121 -13.45 8.97 -15.04
CA LEU B 121 -12.54 9.03 -16.21
C LEU B 121 -11.24 8.30 -15.86
N PHE B 122 -11.02 7.13 -16.46
CA PHE B 122 -9.76 6.38 -16.21
C PHE B 122 -8.95 6.34 -17.51
N VAL B 123 -7.87 7.12 -17.54
CA VAL B 123 -7.05 7.22 -18.78
C VAL B 123 -5.57 7.02 -18.41
N GLU B 124 -5.30 6.00 -17.59
CA GLU B 124 -3.92 5.76 -17.18
C GLU B 124 -3.23 4.81 -18.15
N ASN B 125 -1.91 4.68 -17.96
CA ASN B 125 -1.06 3.86 -18.83
C ASN B 125 -1.21 4.26 -20.30
N ASN B 126 -1.17 5.57 -20.53
CA ASN B 126 -1.30 6.14 -21.87
C ASN B 126 -0.13 7.07 -22.13
N ARG B 127 -0.15 7.70 -23.31
CA ARG B 127 0.91 8.68 -23.66
C ARG B 127 0.28 10.08 -23.66
N LEU B 128 -0.78 10.26 -22.87
CA LEU B 128 -1.49 11.56 -22.84
C LEU B 128 -0.48 12.69 -22.54
N TYR B 129 -0.60 13.80 -23.27
CA TYR B 129 0.33 14.94 -23.07
C TYR B 129 -0.45 16.11 -22.46
N ASN B 130 -1.75 16.17 -22.71
CA ASN B 130 -2.60 17.24 -22.12
C ASN B 130 -4.02 16.71 -21.95
N LEU B 131 -4.70 17.09 -20.87
CA LEU B 131 -6.06 16.57 -20.60
C LEU B 131 -7.10 17.61 -21.01
N PRO B 132 -8.30 17.21 -21.47
CA PRO B 132 -9.34 18.13 -21.87
C PRO B 132 -9.97 18.82 -20.64
N ALA B 133 -10.91 19.74 -20.88
CA ALA B 133 -11.61 20.40 -19.77
C ALA B 133 -12.26 19.33 -18.90
N LEU B 134 -12.08 19.42 -17.58
CA LEU B 134 -12.61 18.40 -16.69
C LEU B 134 -14.01 18.78 -16.22
N PRO B 135 -15.03 17.93 -16.43
CA PRO B 135 -16.40 18.22 -15.97
C PRO B 135 -16.46 18.12 -14.43
N GLU B 136 -17.28 18.96 -13.80
CA GLU B 136 -17.32 18.98 -12.32
C GLU B 136 -17.95 17.67 -11.83
N LYS B 137 -18.84 17.09 -12.61
CA LYS B 137 -19.55 15.85 -12.18
C LYS B 137 -18.52 14.74 -11.91
N LEU B 138 -17.31 14.89 -12.46
CA LEU B 138 -16.27 13.83 -12.29
C LEU B 138 -15.82 13.79 -10.83
N LYS B 139 -15.98 12.65 -10.18
CA LYS B 139 -15.54 12.50 -8.76
C LYS B 139 -14.22 11.72 -8.75
N PHE B 140 -13.99 10.93 -9.79
CA PHE B 140 -12.76 10.08 -9.82
C PHE B 140 -12.01 10.33 -11.12
N LEU B 141 -10.70 10.52 -11.03
CA LEU B 141 -9.88 10.72 -12.25
C LEU B 141 -8.56 9.97 -12.09
N HIS B 142 -8.26 9.05 -13.01
CA HIS B 142 -6.96 8.34 -12.98
C HIS B 142 -6.16 8.72 -14.22
N VAL B 143 -5.08 9.47 -14.05
CA VAL B 143 -4.30 9.94 -15.22
C VAL B 143 -2.85 9.53 -15.03
N TYR B 144 -2.60 8.44 -14.31
CA TYR B 144 -1.20 8.07 -14.00
C TYR B 144 -0.56 7.36 -15.20
N TYR B 145 0.72 7.02 -15.07
CA TYR B 145 1.45 6.33 -16.15
C TYR B 145 1.26 7.09 -17.46
N ASN B 146 1.31 8.42 -17.42
CA ASN B 146 1.21 9.24 -18.65
C ASN B 146 2.38 10.23 -18.66
N ARG B 147 2.43 11.14 -19.63
CA ARG B 147 3.57 12.10 -19.76
C ARG B 147 3.06 13.52 -19.52
N LEU B 148 1.99 13.67 -18.74
CA LEU B 148 1.39 15.00 -18.49
C LEU B 148 2.38 15.86 -17.69
N THR B 149 2.33 17.18 -17.87
CA THR B 149 3.20 18.10 -17.09
C THR B 149 2.32 19.13 -16.40
N THR B 150 1.17 19.44 -17.00
CA THR B 150 0.25 20.46 -16.43
C THR B 150 -1.15 19.87 -16.25
N LEU B 151 -1.52 19.54 -15.02
CA LEU B 151 -2.89 19.03 -14.75
C LEU B 151 -3.88 20.20 -14.88
N PRO B 152 -5.01 20.03 -15.58
CA PRO B 152 -6.00 21.09 -15.67
C PRO B 152 -6.52 21.40 -14.26
N ASP B 153 -7.13 22.58 -14.09
CA ASP B 153 -7.67 22.98 -12.77
C ASP B 153 -8.63 21.89 -12.28
N LEU B 154 -8.48 21.45 -11.03
CA LEU B 154 -9.32 20.33 -10.51
C LEU B 154 -10.77 20.77 -10.35
N PRO B 155 -11.76 19.87 -10.56
CA PRO B 155 -13.17 20.21 -10.37
C PRO B 155 -13.50 20.34 -8.87
N ASP B 156 -14.72 20.76 -8.55
CA ASP B 156 -15.12 20.95 -7.13
C ASP B 156 -15.35 19.61 -6.45
N LYS B 157 -16.01 18.67 -7.13
CA LYS B 157 -16.36 17.37 -6.48
C LYS B 157 -15.38 16.28 -6.91
N LEU B 158 -14.08 16.50 -6.68
CA LEU B 158 -13.06 15.51 -7.03
C LEU B 158 -12.68 14.77 -5.75
N GLU B 159 -13.08 13.50 -5.65
CA GLU B 159 -12.79 12.71 -4.46
C GLU B 159 -11.44 12.02 -4.55
N ILE B 160 -11.17 11.31 -5.65
CA ILE B 160 -9.93 10.58 -5.84
C ILE B 160 -9.24 11.15 -7.07
N LEU B 161 -7.94 11.45 -6.94
CA LEU B 161 -7.13 11.93 -8.05
C LEU B 161 -5.78 11.22 -7.98
N CYS B 162 -5.60 10.21 -8.83
CA CYS B 162 -4.35 9.47 -8.94
C CYS B 162 -3.59 10.05 -10.14
N ALA B 163 -2.72 11.02 -9.87
CA ALA B 163 -1.96 11.68 -10.92
C ALA B 163 -0.46 11.50 -10.71
N GLN B 164 -0.04 10.26 -10.47
CA GLN B 164 1.36 9.96 -10.23
C GLN B 164 2.03 9.48 -11.52
N ARG B 165 3.36 9.34 -11.46
CA ARG B 165 4.17 8.85 -12.57
C ARG B 165 3.94 9.66 -13.85
N ASN B 166 3.87 10.98 -13.70
CA ASN B 166 3.75 11.90 -14.81
C ASN B 166 4.91 12.89 -14.79
N ASN B 167 4.92 13.78 -15.78
CA ASN B 167 5.95 14.82 -15.89
C ASN B 167 5.50 16.15 -15.29
N LEU B 168 4.60 16.07 -14.31
CA LEU B 168 4.08 17.30 -13.67
C LEU B 168 5.24 18.05 -13.02
N VAL B 169 5.27 19.38 -13.21
CA VAL B 169 6.38 20.21 -12.63
C VAL B 169 5.76 21.27 -11.72
N THR B 170 4.48 21.59 -11.92
CA THR B 170 3.81 22.63 -11.10
C THR B 170 2.58 22.03 -10.41
N PHE B 171 2.39 22.32 -9.12
CA PHE B 171 1.23 21.80 -8.36
C PHE B 171 -0.05 22.42 -8.92
N PRO B 172 -1.20 21.70 -8.89
CA PRO B 172 -2.43 22.22 -9.50
C PRO B 172 -3.24 23.15 -8.57
N GLN B 173 -4.08 24.00 -9.17
CA GLN B 173 -4.94 24.85 -8.37
C GLN B 173 -6.21 24.09 -8.01
N PHE B 174 -6.61 24.19 -6.74
CA PHE B 174 -7.75 23.45 -6.23
C PHE B 174 -9.03 24.26 -6.43
N SER B 175 -10.14 23.76 -5.90
CA SER B 175 -11.39 24.49 -5.87
C SER B 175 -11.52 25.39 -4.65
N ASP B 176 -10.45 25.53 -3.87
CA ASP B 176 -10.43 26.35 -2.65
C ASP B 176 -11.52 25.90 -1.67
N ARG B 177 -11.45 24.62 -1.32
CA ARG B 177 -12.36 23.99 -0.35
C ARG B 177 -13.82 24.12 -0.76
N ASN B 178 -14.10 24.06 -2.06
CA ASN B 178 -15.48 23.97 -2.51
C ASN B 178 -16.12 22.63 -2.16
N ASN B 179 -15.32 21.67 -1.68
CA ASN B 179 -15.81 20.38 -1.23
C ASN B 179 -15.29 20.13 0.18
N ILE B 180 -16.18 19.78 1.09
CA ILE B 180 -15.84 19.60 2.50
C ILE B 180 -15.86 18.12 2.87
N ARG B 181 -15.84 17.24 1.87
CA ARG B 181 -15.86 15.77 2.14
C ARG B 181 -14.44 15.21 2.05
N GLN B 182 -14.25 13.96 2.47
CA GLN B 182 -12.89 13.36 2.47
C GLN B 182 -12.36 13.36 1.03
N LYS B 183 -11.06 13.63 0.85
CA LYS B 183 -10.50 13.71 -0.53
C LYS B 183 -9.07 13.14 -0.53
N GLU B 184 -8.78 12.24 -1.47
CA GLU B 184 -7.42 11.63 -1.57
C GLU B 184 -6.81 11.98 -2.93
N TYR B 185 -5.74 12.75 -2.93
CA TYR B 185 -5.08 13.16 -4.19
C TYR B 185 -3.64 12.63 -4.18
N TYR B 186 -3.21 11.98 -5.26
CA TYR B 186 -1.86 11.38 -5.30
C TYR B 186 -1.02 12.08 -6.36
N PHE B 187 0.09 12.71 -5.94
CA PHE B 187 0.94 13.43 -6.88
C PHE B 187 2.39 12.99 -6.74
N HIS B 188 2.62 11.73 -6.38
CA HIS B 188 3.98 11.27 -6.12
C HIS B 188 4.70 10.91 -7.43
N PHE B 189 6.03 10.89 -7.36
CA PHE B 189 6.86 10.50 -8.53
C PHE B 189 6.68 11.50 -9.68
N ASN B 190 6.20 12.71 -9.38
CA ASN B 190 6.12 13.76 -10.43
C ASN B 190 7.22 14.77 -10.13
N GLN B 191 7.76 15.44 -11.15
CA GLN B 191 8.90 16.36 -10.95
C GLN B 191 8.39 17.73 -10.50
N ILE B 192 8.02 17.86 -9.22
CA ILE B 192 7.59 19.18 -8.68
C ILE B 192 8.65 19.66 -7.69
N THR B 193 8.95 20.96 -7.68
CA THR B 193 10.02 21.50 -6.81
C THR B 193 9.42 22.38 -5.72
N THR B 194 8.35 23.11 -6.03
CA THR B 194 7.76 24.05 -5.03
C THR B 194 6.24 23.87 -4.98
N LEU B 195 5.59 24.47 -3.99
CA LEU B 195 4.12 24.30 -3.81
C LEU B 195 3.45 25.65 -3.57
N PRO B 196 2.11 25.74 -3.68
CA PRO B 196 1.39 26.99 -3.44
C PRO B 196 0.98 27.17 -1.97
N GLU B 197 0.78 28.42 -1.55
CA GLU B 197 0.33 28.70 -0.17
C GLU B 197 -1.14 28.27 -0.03
N SER B 198 -1.87 28.23 -1.15
CA SER B 198 -3.28 27.80 -1.12
C SER B 198 -3.40 26.50 -0.32
N PHE B 199 -2.37 25.64 -0.41
CA PHE B 199 -2.35 24.38 0.36
C PHE B 199 -2.50 24.69 1.85
N SER B 200 -1.83 25.75 2.31
CA SER B 200 -1.86 26.09 3.76
C SER B 200 -3.30 26.37 4.19
N GLN B 201 -4.21 26.62 3.23
CA GLN B 201 -5.59 27.00 3.60
C GLN B 201 -6.53 25.81 3.48
N LEU B 202 -6.03 24.62 3.15
CA LEU B 202 -6.91 23.45 2.93
C LEU B 202 -7.16 22.71 4.25
N ASP B 203 -8.36 22.15 4.41
CA ASP B 203 -8.68 21.41 5.63
C ASP B 203 -8.00 20.05 5.63
N SER B 204 -8.09 19.36 6.78
CA SER B 204 -7.56 18.01 6.91
C SER B 204 -8.30 17.00 6.06
N SER B 205 -9.40 17.40 5.42
CA SER B 205 -10.10 16.49 4.51
C SER B 205 -9.22 16.09 3.34
N TYR B 206 -8.22 16.92 3.05
CA TYR B 206 -7.33 16.64 1.90
C TYR B 206 -6.23 15.67 2.29
N ARG B 207 -6.02 14.62 1.48
CA ARG B 207 -4.90 13.68 1.72
C ARG B 207 -3.97 13.78 0.50
N ILE B 208 -2.73 14.22 0.69
CA ILE B 208 -1.86 14.47 -0.50
C ILE B 208 -0.55 13.68 -0.38
N ASN B 209 -0.16 12.97 -1.43
CA ASN B 209 1.13 12.25 -1.44
C ASN B 209 2.04 12.91 -2.47
N ILE B 210 3.05 13.63 -2.00
CA ILE B 210 3.99 14.34 -2.93
C ILE B 210 5.37 13.70 -2.79
N SER B 211 5.42 12.51 -2.22
CA SER B 211 6.71 11.83 -1.99
C SER B 211 7.43 11.60 -3.32
N GLY B 212 8.77 11.58 -3.32
CA GLY B 212 9.53 11.28 -4.54
C GLY B 212 9.75 12.51 -5.41
N ASN B 213 8.83 13.47 -5.36
CA ASN B 213 8.93 14.67 -6.21
C ASN B 213 10.17 15.46 -5.79
N PRO B 214 10.82 16.21 -6.70
CA PRO B 214 12.04 16.96 -6.36
C PRO B 214 11.67 18.27 -5.67
N LEU B 215 10.95 18.19 -4.55
CA LEU B 215 10.54 19.41 -3.81
C LEU B 215 11.78 20.12 -3.27
N SER B 216 11.67 21.43 -2.99
CA SER B 216 12.83 22.22 -2.50
C SER B 216 13.01 22.03 -1.00
N THR B 217 14.25 22.16 -0.52
CA THR B 217 14.53 22.01 0.93
C THR B 217 13.63 22.99 1.70
N ARG B 218 13.44 24.19 1.15
CA ARG B 218 12.64 25.22 1.86
C ARG B 218 11.27 24.63 2.18
N VAL B 219 10.58 24.12 1.16
CA VAL B 219 9.21 23.58 1.38
C VAL B 219 9.31 22.46 2.42
N LEU B 220 10.35 21.62 2.30
CA LEU B 220 10.50 20.48 3.23
C LEU B 220 10.50 21.03 4.66
N GLN B 221 11.36 22.01 4.92
CA GLN B 221 11.42 22.61 6.28
C GLN B 221 10.03 23.13 6.63
N SER B 222 9.47 23.96 5.75
CA SER B 222 8.13 24.53 6.00
C SER B 222 7.16 23.40 6.35
N LEU B 223 7.01 22.44 5.44
CA LEU B 223 6.03 21.38 5.66
C LEU B 223 6.38 20.54 6.88
N GLN B 224 7.67 20.33 7.15
CA GLN B 224 8.04 19.61 8.36
C GLN B 224 7.68 20.40 9.62
N ARG B 225 7.84 21.72 9.58
CA ARG B 225 7.42 22.55 10.69
C ARG B 225 5.90 22.52 10.85
N LEU B 226 5.17 22.49 9.74
CA LEU B 226 3.72 22.43 9.81
C LEU B 226 3.24 21.11 10.40
N THR B 227 3.87 20.01 10.02
CA THR B 227 3.48 18.69 10.51
C THR B 227 3.98 18.40 11.91
N SER B 228 4.55 19.40 12.60
CA SER B 228 5.05 19.23 13.96
C SER B 228 4.40 20.21 14.92
N SER B 229 3.14 20.59 14.67
CA SER B 229 2.43 21.56 15.48
C SER B 229 1.08 20.99 15.88
N PRO B 230 0.73 21.03 17.17
CA PRO B 230 -0.59 20.56 17.58
C PRO B 230 -1.73 21.41 17.05
N ASP B 231 -1.52 22.72 16.92
CA ASP B 231 -2.54 23.60 16.36
C ASP B 231 -2.81 23.30 14.88
N TYR B 232 -1.88 22.66 14.20
CA TYR B 232 -2.03 22.36 12.77
C TYR B 232 -3.00 21.19 12.60
N HIS B 233 -4.22 21.49 12.14
CA HIS B 233 -5.18 20.49 11.73
C HIS B 233 -5.39 20.53 10.23
N GLY B 234 -4.29 20.79 9.51
CA GLY B 234 -4.37 20.93 8.04
C GLY B 234 -4.52 19.60 7.33
N PRO B 235 -4.39 19.57 5.98
CA PRO B 235 -4.62 18.34 5.22
C PRO B 235 -3.59 17.24 5.49
N GLN B 236 -4.05 15.99 5.64
CA GLN B 236 -3.10 14.87 5.80
C GLN B 236 -2.14 14.92 4.62
N ILE B 237 -0.84 15.12 4.87
CA ILE B 237 0.12 15.28 3.75
C ILE B 237 1.25 14.26 3.92
N TYR B 238 1.79 13.76 2.80
CA TYR B 238 2.92 12.80 2.85
C TYR B 238 4.03 13.31 1.94
N PHE B 239 5.29 13.04 2.28
CA PHE B 239 6.42 13.55 1.48
C PHE B 239 7.67 12.69 1.72
N SER B 240 8.63 12.76 0.80
CA SER B 240 9.87 11.97 0.93
C SER B 240 10.93 12.48 -0.07
#